data_4YBF
#
_entry.id   4YBF
#
_cell.length_a   49.138
_cell.length_b   57.147
_cell.length_c   54.553
_cell.angle_alpha   90.000
_cell.angle_beta   90.610
_cell.angle_gamma   90.000
#
_symmetry.space_group_name_H-M   'P 1 21 1'
#
loop_
_entity.id
_entity.type
_entity.pdbx_description
1 polymer Candidapepsin-2
2 non-polymer DI(HYDROXYETHYL)ETHER
3 water water
#
_entity_poly.entity_id   1
_entity_poly.type   'polypeptide(L)'
_entity_poly.pdbx_seq_one_letter_code
;SSPSSPLYFEGPSYGIRVSVGSNKQEQQVVLDTGSSDFWVVDSSASCQKGNCKQYGTFDPHSSTSFKSLGSSFSIGYGDK
SSSIGTWGQDTIYLGGTSITNQRFADVTSTSVNQGILGVGRVETESANPPYDNVPITLKKQGKIKTNAYSLYLNSPGAAT
GTIIFGGVDNAKYSGKLIEEPLVSDRYLAVNLKSLNYNGDNSNAGFGVVVDSGTTISYLPDSIVNDLANKVGAYLEPVGL
GNELYFIDCNANPQGSASFTFDNGAKITVPLSEFVLQSTANACVWGLQSSDRQNVPPILGDNFLRHAYVVFNLDKETVSL
AQVKYTSASSVSAI
;
_entity_poly.pdbx_strand_id   A
#
loop_
_chem_comp.id
_chem_comp.type
_chem_comp.name
_chem_comp.formula
PEG non-polymer DI(HYDROXYETHYL)ETHER 'C4 H10 O3'
#
# COMPACT_ATOMS: atom_id res chain seq x y z
N SER A 1 20.66 4.71 14.29
CA SER A 1 19.98 3.63 13.52
C SER A 1 18.68 4.13 12.91
N SER A 2 18.05 3.28 12.10
CA SER A 2 16.78 3.59 11.46
C SER A 2 15.69 2.59 11.91
N PRO A 3 14.54 3.10 12.41
CA PRO A 3 13.43 2.20 12.72
C PRO A 3 13.08 1.37 11.49
N SER A 4 12.74 0.11 11.71
CA SER A 4 12.35 -0.76 10.63
CA SER A 4 12.45 -0.83 10.65
C SER A 4 11.41 -1.81 11.12
N SER A 5 10.57 -2.29 10.20
CA SER A 5 9.56 -3.28 10.53
C SER A 5 9.48 -4.35 9.47
N PRO A 6 9.32 -5.62 9.89
CA PRO A 6 8.91 -6.66 8.96
CA PRO A 6 8.93 -6.65 8.94
C PRO A 6 7.52 -6.38 8.41
N LEU A 7 7.29 -6.82 7.19
CA LEU A 7 5.99 -6.73 6.58
C LEU A 7 5.51 -8.12 6.24
N TYR A 8 4.32 -8.47 6.69
CA TYR A 8 3.82 -9.84 6.61
C TYR A 8 2.86 -9.97 5.45
N PHE A 9 3.20 -10.82 4.49
CA PHE A 9 2.37 -11.03 3.32
C PHE A 9 1.09 -11.74 3.74
N GLU A 10 -0.06 -11.17 3.38
CA GLU A 10 -1.35 -11.73 3.77
C GLU A 10 -2.12 -12.31 2.58
N GLY A 11 -1.66 -12.01 1.37
CA GLY A 11 -2.36 -12.33 0.11
C GLY A 11 -2.68 -11.01 -0.59
N PRO A 12 -3.73 -10.32 -0.13
CA PRO A 12 -4.12 -9.08 -0.80
CA PRO A 12 -4.13 -9.08 -0.79
C PRO A 12 -3.21 -7.90 -0.50
N SER A 13 -2.46 -7.97 0.58
CA SER A 13 -1.66 -6.84 1.05
C SER A 13 -0.66 -7.35 2.08
N TYR A 14 0.12 -6.42 2.59
CA TYR A 14 1.15 -6.68 3.59
C TYR A 14 0.78 -5.99 4.88
N GLY A 15 0.90 -6.72 5.97
CA GLY A 15 0.64 -6.19 7.30
C GLY A 15 1.87 -5.72 8.02
N ILE A 16 1.73 -4.67 8.79
CA ILE A 16 2.74 -4.16 9.70
C ILE A 16 2.17 -4.27 11.11
N ARG A 17 3.01 -4.67 12.06
CA ARG A 17 2.53 -4.85 13.39
CA ARG A 17 2.62 -4.78 13.49
C ARG A 17 2.78 -3.52 14.18
N VAL A 18 1.74 -3.05 14.86
CA VAL A 18 1.77 -1.82 15.65
C VAL A 18 1.08 -2.09 16.95
N SER A 19 1.62 -1.64 18.09
CA SER A 19 0.89 -1.75 19.36
C SER A 19 0.43 -0.39 19.79
N VAL A 20 -0.72 -0.36 20.47
CA VAL A 20 -1.35 0.90 20.82
C VAL A 20 -1.65 0.94 22.30
N GLY A 21 -1.30 2.03 22.95
CA GLY A 21 -1.82 2.33 24.29
C GLY A 21 -0.93 1.90 25.43
N SER A 22 -1.35 2.26 26.63
CA SER A 22 -0.58 1.91 27.85
C SER A 22 -0.38 0.42 28.02
N ASN A 23 -1.37 -0.34 27.57
CA ASN A 23 -1.30 -1.81 27.62
C ASN A 23 -0.87 -2.49 26.32
N LYS A 24 -0.35 -1.69 25.38
CA LYS A 24 0.35 -2.20 24.22
C LYS A 24 -0.49 -3.26 23.49
N GLN A 25 -1.68 -2.83 23.09
CA GLN A 25 -2.60 -3.72 22.40
C GLN A 25 -2.13 -3.96 20.97
N GLU A 26 -1.90 -5.19 20.60
CA GLU A 26 -1.29 -5.51 19.35
C GLU A 26 -2.24 -5.50 18.20
N GLN A 27 -1.84 -4.82 17.12
CA GLN A 27 -2.57 -4.78 15.87
C GLN A 27 -1.68 -5.22 14.74
N GLN A 28 -2.30 -5.73 13.68
CA GLN A 28 -1.64 -5.90 12.39
C GLN A 28 -2.49 -5.15 11.39
N VAL A 29 -1.92 -4.15 10.75
CA VAL A 29 -2.66 -3.26 9.87
C VAL A 29 -2.00 -3.22 8.50
N VAL A 30 -2.75 -2.86 7.47
CA VAL A 30 -2.21 -2.81 6.12
C VAL A 30 -1.21 -1.66 5.98
N LEU A 31 0.00 -1.93 5.51
CA LEU A 31 0.93 -0.85 5.23
C LEU A 31 0.55 -0.23 3.89
N ASP A 32 0.07 1.01 3.89
CA ASP A 32 -0.54 1.64 2.72
C ASP A 32 0.12 2.96 2.36
N THR A 33 0.87 2.98 1.26
CA THR A 33 1.45 4.21 0.75
C THR A 33 0.42 5.06 -0.03
N GLY A 34 -0.75 4.51 -0.32
CA GLY A 34 -1.79 5.23 -1.01
C GLY A 34 -2.83 5.90 -0.14
N SER A 35 -2.63 5.91 1.17
CA SER A 35 -3.49 6.62 2.10
C SER A 35 -2.64 7.14 3.25
N SER A 36 -3.23 7.91 4.15
CA SER A 36 -2.43 8.69 5.05
C SER A 36 -2.84 8.68 6.50
N ASP A 37 -3.87 7.90 6.84
CA ASP A 37 -4.37 7.82 8.19
C ASP A 37 -4.06 6.48 8.82
N PHE A 38 -3.77 6.48 10.10
CA PHE A 38 -3.69 5.26 10.90
C PHE A 38 -5.03 5.01 11.54
N TRP A 39 -5.62 3.84 11.30
CA TRP A 39 -6.85 3.48 12.02
C TRP A 39 -6.83 2.02 12.37
N VAL A 40 -7.52 1.75 13.46
CA VAL A 40 -7.63 0.42 14.07
C VAL A 40 -9.07 0.02 14.23
N VAL A 41 -9.31 -1.26 14.38
CA VAL A 41 -10.64 -1.81 14.59
C VAL A 41 -10.95 -1.83 16.08
N ASP A 42 -12.00 -1.15 16.50
CA ASP A 42 -12.41 -1.19 17.89
C ASP A 42 -12.84 -2.60 18.30
N SER A 43 -12.53 -2.98 19.52
N SER A 43 -12.53 -2.98 19.52
CA SER A 43 -12.90 -4.30 20.03
CA SER A 43 -12.93 -4.30 20.04
C SER A 43 -14.40 -4.57 20.01
C SER A 43 -14.43 -4.57 19.94
N SER A 44 -15.22 -3.50 20.04
CA SER A 44 -16.68 -3.61 19.94
CA SER A 44 -16.68 -3.61 19.95
C SER A 44 -17.23 -3.18 18.59
N ALA A 45 -16.38 -3.12 17.55
CA ALA A 45 -16.83 -2.71 16.25
C ALA A 45 -17.89 -3.66 15.68
N SER A 46 -18.72 -3.11 14.81
CA SER A 46 -19.57 -3.94 13.98
C SER A 46 -18.97 -4.18 12.62
N CYS A 47 -18.54 -5.39 12.39
CA CYS A 47 -17.99 -5.80 11.09
C CYS A 47 -19.17 -6.02 10.14
N GLN A 48 -19.20 -5.38 8.99
CA GLN A 48 -20.34 -5.50 8.11
CA GLN A 48 -20.35 -5.52 8.12
C GLN A 48 -20.23 -6.78 7.27
N LYS A 49 -19.01 -7.28 7.07
CA LYS A 49 -18.69 -8.44 6.25
C LYS A 49 -17.72 -9.33 6.99
N GLY A 50 -18.16 -10.49 7.47
CA GLY A 50 -17.30 -11.45 8.09
C GLY A 50 -16.68 -11.01 9.41
N ASN A 51 -15.45 -11.47 9.62
CA ASN A 51 -14.72 -11.24 10.86
C ASN A 51 -13.59 -10.25 10.61
N CYS A 52 -13.80 -9.01 11.02
CA CYS A 52 -12.82 -7.92 10.85
C CYS A 52 -11.86 -7.77 12.02
N LYS A 53 -11.90 -8.72 12.96
N LYS A 53 -11.88 -8.72 12.96
CA LYS A 53 -11.16 -8.66 14.19
CA LYS A 53 -11.15 -8.64 14.19
C LYS A 53 -10.10 -9.77 14.31
C LYS A 53 -9.98 -9.64 14.29
N GLN A 54 -9.62 -10.25 13.18
CA GLN A 54 -8.60 -11.32 13.21
C GLN A 54 -7.18 -10.79 13.17
N TYR A 55 -7.03 -9.48 12.93
CA TYR A 55 -5.74 -8.80 12.86
C TYR A 55 -5.59 -7.82 14.00
N GLY A 56 -6.23 -8.12 15.11
CA GLY A 56 -6.18 -7.33 16.29
C GLY A 56 -7.35 -6.40 16.45
N THR A 57 -7.57 -5.97 17.68
CA THR A 57 -8.51 -4.91 17.94
C THR A 57 -8.00 -4.02 19.04
N PHE A 58 -8.61 -2.84 19.13
CA PHE A 58 -8.26 -1.86 20.12
C PHE A 58 -9.44 -1.55 21.02
N ASP A 59 -9.19 -1.62 22.32
CA ASP A 59 -10.18 -1.27 23.34
C ASP A 59 -9.72 0.04 24.00
N PRO A 60 -10.29 1.18 23.63
CA PRO A 60 -9.80 2.45 24.17
CA PRO A 60 -9.80 2.44 24.15
C PRO A 60 -9.93 2.52 25.68
N HIS A 61 -10.91 1.83 26.24
CA HIS A 61 -11.19 1.90 27.67
C HIS A 61 -10.09 1.36 28.53
N SER A 62 -9.30 0.43 28.01
CA SER A 62 -8.21 -0.19 28.80
C SER A 62 -6.85 0.47 28.63
N SER A 63 -6.73 1.47 27.76
CA SER A 63 -5.52 2.26 27.70
C SER A 63 -5.64 3.52 28.52
N THR A 64 -4.80 3.65 29.55
CA THR A 64 -4.84 4.81 30.45
C THR A 64 -4.37 6.10 29.77
N SER A 65 -3.65 5.95 28.65
CA SER A 65 -3.11 7.08 27.91
C SER A 65 -4.00 7.53 26.73
N PHE A 66 -5.00 6.75 26.38
CA PHE A 66 -5.88 7.10 25.28
C PHE A 66 -6.68 8.34 25.60
N LYS A 67 -6.85 9.26 24.65
CA LYS A 67 -7.80 10.33 24.76
C LYS A 67 -8.55 10.43 23.47
N SER A 68 -9.88 10.48 23.53
CA SER A 68 -10.65 10.70 22.33
C SER A 68 -10.58 12.15 21.94
N LEU A 69 -10.53 12.41 20.64
CA LEU A 69 -10.57 13.76 20.13
C LEU A 69 -11.98 14.17 19.80
N GLY A 70 -12.92 13.22 19.78
CA GLY A 70 -14.34 13.54 19.58
C GLY A 70 -14.76 13.83 18.16
N SER A 71 -13.83 13.92 17.24
CA SER A 71 -14.15 14.24 15.86
CA SER A 71 -14.15 14.24 15.86
C SER A 71 -14.43 12.98 15.04
N SER A 72 -15.30 13.10 14.05
CA SER A 72 -15.76 12.01 13.22
C SER A 72 -14.69 11.58 12.23
N PHE A 73 -14.51 10.27 12.09
CA PHE A 73 -13.76 9.69 10.98
C PHE A 73 -14.72 8.88 10.14
N SER A 74 -14.76 9.10 8.85
CA SER A 74 -15.52 8.26 7.98
C SER A 74 -14.95 8.27 6.62
N ILE A 75 -14.98 7.11 6.01
CA ILE A 75 -14.50 6.95 4.63
C ILE A 75 -15.49 6.05 3.92
N GLY A 76 -15.76 6.39 2.67
CA GLY A 76 -16.75 5.71 1.84
C GLY A 76 -16.05 4.94 0.75
N TYR A 77 -16.64 3.81 0.38
CA TYR A 77 -16.10 2.95 -0.65
C TYR A 77 -17.03 2.98 -1.88
N GLY A 78 -16.52 2.54 -3.01
CA GLY A 78 -17.32 2.55 -4.25
C GLY A 78 -18.61 1.73 -4.19
N ASP A 79 -18.60 0.67 -3.37
CA ASP A 79 -19.77 -0.18 -3.18
C ASP A 79 -20.80 0.44 -2.24
N LYS A 80 -20.54 1.70 -1.86
CA LYS A 80 -21.39 2.55 -0.98
C LYS A 80 -21.42 2.09 0.48
N SER A 81 -20.54 1.16 0.85
CA SER A 81 -20.30 0.88 2.28
C SER A 81 -19.29 1.89 2.81
N SER A 82 -18.93 1.76 4.09
CA SER A 82 -18.05 2.72 4.71
C SER A 82 -17.30 2.11 5.89
N SER A 83 -16.31 2.86 6.35
CA SER A 83 -15.74 2.70 7.68
C SER A 83 -15.95 3.99 8.46
N ILE A 84 -16.38 3.84 9.70
CA ILE A 84 -16.79 4.96 10.54
C ILE A 84 -16.20 4.77 11.91
N GLY A 85 -15.70 5.86 12.47
CA GLY A 85 -15.22 5.84 13.83
C GLY A 85 -14.96 7.22 14.37
N THR A 86 -14.10 7.33 15.36
CA THR A 86 -13.83 8.59 16.03
C THR A 86 -12.34 8.73 16.18
N TRP A 87 -11.83 9.92 15.94
CA TRP A 87 -10.41 10.19 16.13
C TRP A 87 -10.04 10.21 17.58
N GLY A 88 -8.83 9.76 17.88
CA GLY A 88 -8.28 9.78 19.23
C GLY A 88 -6.77 9.92 19.14
N GLN A 89 -6.11 9.86 20.27
CA GLN A 89 -4.66 9.88 20.31
C GLN A 89 -4.15 8.99 21.43
N ASP A 90 -2.98 8.43 21.22
CA ASP A 90 -2.37 7.54 22.18
C ASP A 90 -0.91 7.33 21.79
N THR A 91 -0.19 6.59 22.63
CA THR A 91 1.15 6.13 22.31
C THR A 91 1.09 4.95 21.39
N ILE A 92 1.93 4.99 20.35
CA ILE A 92 2.00 3.95 19.32
CA ILE A 92 1.99 3.86 19.48
C ILE A 92 3.42 3.36 19.31
N TYR A 93 3.52 2.06 19.15
CA TYR A 93 4.76 1.36 19.05
C TYR A 93 4.88 0.74 17.68
N LEU A 94 5.91 1.12 16.93
CA LEU A 94 6.16 0.58 15.61
C LEU A 94 7.63 0.73 15.24
N GLY A 95 8.12 -0.15 14.39
CA GLY A 95 9.49 -0.02 13.90
C GLY A 95 10.56 -0.13 14.97
N GLY A 96 10.24 -0.68 16.14
CA GLY A 96 11.18 -0.76 17.25
C GLY A 96 11.24 0.50 18.09
N THR A 97 10.42 1.50 17.76
CA THR A 97 10.39 2.76 18.47
C THR A 97 8.95 3.07 18.93
N SER A 98 8.74 4.26 19.49
CA SER A 98 7.41 4.66 19.91
C SER A 98 7.29 6.14 19.72
N ILE A 99 6.06 6.57 19.53
CA ILE A 99 5.66 7.97 19.41
C ILE A 99 4.49 8.23 20.34
N THR A 100 4.48 9.41 20.92
CA THR A 100 3.45 9.79 21.88
CA THR A 100 3.50 9.80 21.90
C THR A 100 2.42 10.71 21.26
N ASN A 101 1.20 10.64 21.76
CA ASN A 101 0.15 11.53 21.39
C ASN A 101 -0.07 11.56 19.91
N GLN A 102 -0.07 10.38 19.30
CA GLN A 102 -0.32 10.27 17.87
C GLN A 102 -1.79 10.14 17.58
N ARG A 103 -2.29 10.95 16.66
CA ARG A 103 -3.65 10.89 16.24
C ARG A 103 -3.90 9.71 15.32
N PHE A 104 -4.98 9.00 15.59
CA PHE A 104 -5.41 7.82 14.82
C PHE A 104 -6.92 7.66 15.00
N ALA A 105 -7.56 6.92 14.13
CA ALA A 105 -8.98 6.68 14.24
C ALA A 105 -9.28 5.33 14.84
N ASP A 106 -10.23 5.30 15.76
N ASP A 106 -10.30 5.31 15.69
CA ASP A 106 -10.77 4.05 16.29
CA ASP A 106 -10.83 4.12 16.33
C ASP A 106 -12.08 3.79 15.59
C ASP A 106 -12.12 3.79 15.59
N VAL A 107 -12.12 2.75 14.78
CA VAL A 107 -13.22 2.45 13.88
C VAL A 107 -14.22 1.48 14.50
N THR A 108 -15.47 1.91 14.56
CA THR A 108 -16.54 1.20 15.21
C THR A 108 -17.51 0.53 14.27
N SER A 109 -17.40 0.78 12.96
CA SER A 109 -18.12 -0.01 11.97
CA SER A 109 -18.16 0.07 11.95
C SER A 109 -17.33 0.02 10.68
N THR A 110 -17.20 -1.15 10.07
CA THR A 110 -16.42 -1.22 8.83
C THR A 110 -16.86 -2.37 7.96
N SER A 111 -16.73 -2.17 6.65
CA SER A 111 -16.92 -3.24 5.68
C SER A 111 -15.63 -3.92 5.24
N VAL A 112 -14.47 -3.45 5.71
CA VAL A 112 -13.21 -4.13 5.38
C VAL A 112 -12.77 -4.99 6.53
N ASN A 113 -11.62 -5.65 6.40
CA ASN A 113 -11.22 -6.75 7.24
C ASN A 113 -10.12 -6.47 8.24
N GLN A 114 -9.56 -5.27 8.15
CA GLN A 114 -8.33 -4.94 8.79
C GLN A 114 -8.16 -3.42 8.85
N GLY A 115 -7.52 -2.94 9.90
CA GLY A 115 -7.11 -1.53 9.93
C GLY A 115 -5.96 -1.24 9.00
N ILE A 116 -5.56 0.03 8.94
CA ILE A 116 -4.61 0.53 7.94
C ILE A 116 -3.61 1.46 8.61
N LEU A 117 -2.32 1.29 8.28
CA LEU A 117 -1.30 2.31 8.54
C LEU A 117 -1.04 3.05 7.25
N GLY A 118 -1.69 4.20 7.07
CA GLY A 118 -1.44 5.08 5.92
C GLY A 118 -0.22 5.89 6.17
N VAL A 119 0.78 5.73 5.31
CA VAL A 119 2.05 6.43 5.39
C VAL A 119 2.25 7.41 4.25
N GLY A 120 1.15 7.78 3.59
CA GLY A 120 1.21 8.75 2.51
C GLY A 120 1.36 10.19 3.01
N ARG A 121 1.23 11.08 2.06
CA ARG A 121 1.40 12.52 2.25
C ARG A 121 0.26 13.10 3.05
N VAL A 122 0.52 14.20 3.74
CA VAL A 122 -0.54 14.78 4.53
CA VAL A 122 -0.49 14.88 4.51
C VAL A 122 -1.73 15.16 3.65
N GLU A 123 -1.51 15.47 2.38
CA GLU A 123 -2.53 15.89 1.48
C GLU A 123 -3.61 14.85 1.21
N THR A 124 -3.36 13.56 1.47
CA THR A 124 -4.41 12.55 1.27
C THR A 124 -5.06 12.10 2.59
N GLU A 125 -4.78 12.77 3.70
CA GLU A 125 -5.52 12.50 4.94
C GLU A 125 -7.01 12.70 4.73
N SER A 126 -7.80 11.86 5.35
CA SER A 126 -9.23 12.10 5.49
C SER A 126 -9.51 12.95 6.70
N ALA A 127 -9.08 14.20 6.65
CA ALA A 127 -9.19 15.10 7.82
C ALA A 127 -9.06 16.51 7.33
N ASN A 128 -9.72 17.41 8.02
CA ASN A 128 -9.64 18.84 7.69
C ASN A 128 -9.90 19.60 9.00
N PRO A 129 -8.93 20.32 9.54
CA PRO A 129 -7.64 20.64 8.93
C PRO A 129 -6.66 19.44 8.93
N PRO A 130 -5.53 19.61 8.23
CA PRO A 130 -4.51 18.58 8.24
C PRO A 130 -3.96 18.35 9.62
N TYR A 131 -3.36 17.18 9.84
CA TYR A 131 -2.74 16.87 11.10
C TYR A 131 -1.44 16.06 10.85
N ASP A 132 -0.65 15.86 11.88
CA ASP A 132 0.57 15.10 11.78
C ASP A 132 0.28 13.59 11.77
N ASN A 133 0.43 12.94 10.63
CA ASN A 133 0.27 11.51 10.53
C ASN A 133 1.56 10.83 10.95
N VAL A 134 1.62 9.50 10.89
CA VAL A 134 2.70 8.78 11.52
C VAL A 134 4.06 9.18 11.01
N PRO A 135 4.27 9.26 9.69
CA PRO A 135 5.61 9.67 9.24
C PRO A 135 6.04 11.06 9.71
N ILE A 136 5.11 12.00 9.72
CA ILE A 136 5.42 13.33 10.24
C ILE A 136 5.84 13.25 11.71
N THR A 137 5.09 12.53 12.53
CA THR A 137 5.38 12.43 13.94
C THR A 137 6.71 11.74 14.20
N LEU A 138 7.05 10.70 13.44
CA LEU A 138 8.34 10.04 13.60
C LEU A 138 9.48 11.03 13.45
N LYS A 139 9.35 11.94 12.48
CA LYS A 139 10.36 12.97 12.28
C LYS A 139 10.29 13.98 13.45
N LYS A 140 9.11 14.48 13.75
CA LYS A 140 8.99 15.54 14.77
C LYS A 140 9.51 15.11 16.12
N GLN A 141 9.31 13.85 16.48
CA GLN A 141 9.77 13.31 17.74
C GLN A 141 11.17 12.77 17.71
N GLY A 142 11.87 13.03 16.62
CA GLY A 142 13.32 12.76 16.55
C GLY A 142 13.68 11.30 16.29
N LYS A 143 12.73 10.49 15.85
CA LYS A 143 13.02 9.10 15.58
C LYS A 143 13.66 8.85 14.24
N ILE A 144 13.44 9.77 13.31
CA ILE A 144 14.06 9.82 11.98
C ILE A 144 14.39 11.27 11.66
N LYS A 145 15.40 11.50 10.82
CA LYS A 145 15.75 12.88 10.47
C LYS A 145 15.00 13.45 9.26
N THR A 146 14.58 12.55 8.35
CA THR A 146 13.85 12.93 7.16
C THR A 146 12.55 12.12 7.10
N ASN A 147 11.48 12.78 6.66
CA ASN A 147 10.21 12.10 6.43
C ASN A 147 10.33 11.33 5.11
N ALA A 148 10.81 10.10 5.22
CA ALA A 148 11.09 9.24 4.07
C ALA A 148 11.13 7.83 4.59
N TYR A 149 10.91 6.89 3.68
CA TYR A 149 10.99 5.47 4.05
C TYR A 149 11.24 4.65 2.81
N SER A 150 11.84 3.47 3.02
CA SER A 150 12.14 2.56 1.93
C SER A 150 11.30 1.31 2.05
N LEU A 151 10.82 0.83 0.90
CA LEU A 151 9.94 -0.32 0.82
C LEU A 151 10.59 -1.47 0.07
N TYR A 152 10.62 -2.62 0.73
CA TYR A 152 11.14 -3.88 0.17
C TYR A 152 10.10 -4.95 0.44
N LEU A 153 9.16 -5.10 -0.48
CA LEU A 153 8.13 -6.12 -0.27
C LEU A 153 8.70 -7.52 -0.38
N ASN A 154 9.80 -7.67 -1.09
CA ASN A 154 10.54 -8.95 -1.19
C ASN A 154 9.82 -9.86 -2.20
N SER A 155 10.40 -11.04 -2.40
CA SER A 155 9.97 -11.90 -3.51
C SER A 155 8.59 -12.50 -3.28
N PRO A 156 7.90 -12.90 -4.36
CA PRO A 156 6.68 -13.65 -4.16
C PRO A 156 7.07 -14.92 -3.35
N GLY A 157 6.44 -15.15 -2.21
CA GLY A 157 6.81 -16.30 -1.36
C GLY A 157 7.93 -16.11 -0.35
N ALA A 158 8.49 -14.89 -0.26
CA ALA A 158 9.44 -14.55 0.83
C ALA A 158 8.78 -14.63 2.22
N ALA A 159 9.59 -14.87 3.25
CA ALA A 159 9.11 -14.94 4.66
C ALA A 159 8.47 -13.60 5.10
N THR A 160 9.13 -12.48 4.81
CA THR A 160 8.57 -11.14 5.09
C THR A 160 9.19 -10.18 4.11
N GLY A 161 8.57 -9.00 4.00
CA GLY A 161 9.29 -7.84 3.47
C GLY A 161 9.73 -6.94 4.60
N THR A 162 10.14 -5.72 4.27
CA THR A 162 10.64 -4.77 5.23
C THR A 162 10.24 -3.36 4.79
N ILE A 163 9.94 -2.51 5.79
CA ILE A 163 9.92 -1.05 5.61
C ILE A 163 10.95 -0.48 6.55
N ILE A 164 11.77 0.45 6.04
CA ILE A 164 12.71 1.17 6.86
C ILE A 164 12.29 2.63 6.91
N PHE A 165 12.05 3.16 8.10
CA PHE A 165 11.67 4.56 8.25
C PHE A 165 12.96 5.37 8.35
N GLY A 166 13.11 6.34 7.46
CA GLY A 166 14.25 7.25 7.50
C GLY A 166 15.53 6.72 6.95
N GLY A 167 15.55 5.50 6.41
CA GLY A 167 16.75 4.82 5.97
C GLY A 167 16.53 4.07 4.68
N VAL A 168 17.63 3.57 4.10
CA VAL A 168 17.67 2.90 2.80
C VAL A 168 18.68 1.75 2.94
N ASP A 169 18.29 0.56 2.52
CA ASP A 169 19.16 -0.59 2.52
C ASP A 169 19.80 -0.69 1.13
N ASN A 170 21.02 -0.17 1.00
CA ASN A 170 21.64 -0.11 -0.33
C ASN A 170 22.12 -1.47 -0.85
N ALA A 171 22.01 -2.52 -0.05
CA ALA A 171 22.31 -3.92 -0.45
C ALA A 171 21.19 -4.56 -1.28
N LYS A 172 19.98 -3.98 -1.23
CA LYS A 172 18.80 -4.66 -1.72
C LYS A 172 18.31 -4.18 -3.08
N TYR A 173 19.18 -3.59 -3.87
CA TYR A 173 18.86 -3.28 -5.23
C TYR A 173 20.12 -3.36 -6.10
N SER A 174 19.87 -3.48 -7.40
N SER A 174 19.90 -3.47 -7.39
CA SER A 174 20.92 -3.51 -8.44
CA SER A 174 21.00 -3.45 -8.33
C SER A 174 20.94 -2.17 -9.17
C SER A 174 21.01 -2.08 -8.96
N GLY A 175 22.14 -1.73 -9.57
CA GLY A 175 22.25 -0.45 -10.24
C GLY A 175 22.12 0.70 -9.28
N LYS A 176 21.65 1.84 -9.80
CA LYS A 176 21.52 3.05 -9.01
C LYS A 176 20.03 3.35 -8.76
N LEU A 177 19.72 3.84 -7.55
CA LEU A 177 18.38 4.40 -7.30
C LEU A 177 18.20 5.62 -8.16
N ILE A 178 17.15 5.64 -8.97
CA ILE A 178 16.87 6.77 -9.84
C ILE A 178 15.71 7.58 -9.27
N GLU A 179 15.96 8.85 -9.01
CA GLU A 179 15.05 9.77 -8.36
C GLU A 179 14.02 10.32 -9.35
N GLU A 180 12.73 10.21 -9.02
CA GLU A 180 11.66 10.75 -9.82
C GLU A 180 10.89 11.80 -9.01
N PRO A 181 10.52 12.90 -9.63
CA PRO A 181 9.67 13.85 -8.98
C PRO A 181 8.25 13.31 -8.88
N LEU A 182 7.49 13.81 -7.92
CA LEU A 182 6.08 13.47 -7.83
C LEU A 182 5.33 14.26 -8.89
N VAL A 183 4.30 13.66 -9.46
CA VAL A 183 3.46 14.26 -10.48
C VAL A 183 2.01 14.39 -10.06
N SER A 184 1.76 14.35 -8.77
CA SER A 184 0.43 14.60 -8.17
C SER A 184 0.68 15.62 -7.07
N ASP A 185 -0.33 16.47 -6.84
CA ASP A 185 -0.33 17.39 -5.72
C ASP A 185 -0.75 16.71 -4.42
N ARG A 186 -1.11 15.42 -4.47
CA ARG A 186 -1.55 14.72 -3.24
C ARG A 186 -1.02 13.30 -3.07
N TYR A 187 -0.91 12.54 -4.14
CA TYR A 187 -0.43 11.17 -4.04
C TYR A 187 1.07 11.02 -4.25
N LEU A 188 1.60 9.88 -3.79
CA LEU A 188 2.95 9.46 -4.11
C LEU A 188 2.94 8.82 -5.47
N ALA A 189 2.90 9.68 -6.50
CA ALA A 189 2.71 9.27 -7.90
C ALA A 189 3.89 9.77 -8.72
N VAL A 190 4.32 8.93 -9.65
CA VAL A 190 5.43 9.22 -10.57
C VAL A 190 4.94 8.99 -12.00
N ASN A 191 5.61 9.61 -12.97
CA ASN A 191 5.25 9.45 -14.37
C ASN A 191 5.69 8.09 -14.88
N LEU A 192 4.73 7.36 -15.44
CA LEU A 192 5.02 6.14 -16.17
C LEU A 192 5.17 6.55 -17.64
N LYS A 193 6.33 6.23 -18.22
CA LYS A 193 6.64 6.60 -19.62
C LYS A 193 6.09 5.58 -20.59
N SER A 194 6.35 4.31 -20.32
CA SER A 194 5.99 3.24 -21.23
C SER A 194 5.92 1.90 -20.50
N LEU A 195 5.22 0.95 -21.13
CA LEU A 195 5.08 -0.42 -20.62
CA LEU A 195 5.13 -0.42 -20.61
C LEU A 195 5.34 -1.38 -21.78
N ASN A 196 6.33 -2.22 -21.63
CA ASN A 196 6.63 -3.25 -22.63
C ASN A 196 6.23 -4.56 -22.01
N TYR A 197 5.07 -5.08 -22.41
CA TYR A 197 4.49 -6.28 -21.81
C TYR A 197 4.81 -7.40 -22.77
N ASN A 198 5.84 -8.18 -22.41
CA ASN A 198 6.25 -9.33 -23.24
C ASN A 198 6.40 -8.99 -24.73
N GLY A 199 7.01 -7.85 -25.00
CA GLY A 199 7.28 -7.44 -26.39
C GLY A 199 6.26 -6.50 -26.97
N ASP A 200 5.05 -6.46 -26.37
CA ASP A 200 4.02 -5.51 -26.78
CA ASP A 200 4.05 -5.51 -26.81
C ASP A 200 4.24 -4.19 -26.04
N ASN A 201 4.73 -3.19 -26.75
CA ASN A 201 5.02 -1.90 -26.16
C ASN A 201 3.80 -1.00 -26.26
N SER A 202 3.51 -0.31 -25.18
CA SER A 202 2.50 0.73 -25.13
C SER A 202 3.18 1.96 -24.55
N ASN A 203 2.91 3.08 -25.16
CA ASN A 203 3.25 4.37 -24.60
C ASN A 203 2.30 4.68 -23.46
N ALA A 204 2.81 5.30 -22.40
CA ALA A 204 1.96 5.68 -21.29
C ALA A 204 1.83 7.20 -21.19
N GLY A 205 2.73 7.85 -20.47
CA GLY A 205 2.68 9.29 -20.31
C GLY A 205 1.61 9.77 -19.36
N PHE A 206 1.57 9.15 -18.17
CA PHE A 206 0.66 9.57 -17.13
C PHE A 206 1.18 9.09 -15.79
N GLY A 207 0.70 9.76 -14.75
CA GLY A 207 1.11 9.46 -13.41
C GLY A 207 0.48 8.18 -12.85
N VAL A 208 1.26 7.43 -12.10
CA VAL A 208 0.78 6.25 -11.41
C VAL A 208 1.13 6.38 -9.93
N VAL A 209 0.13 6.07 -9.08
CA VAL A 209 0.36 6.02 -7.64
C VAL A 209 1.13 4.76 -7.30
N VAL A 210 2.19 4.90 -6.57
CA VAL A 210 3.00 3.77 -6.16
C VAL A 210 2.44 3.27 -4.83
N ASP A 211 1.53 2.31 -4.88
CA ASP A 211 0.57 2.01 -3.83
C ASP A 211 0.73 0.63 -3.20
N SER A 212 1.37 0.54 -2.05
CA SER A 212 1.56 -0.72 -1.37
C SER A 212 0.28 -1.38 -0.87
N GLY A 213 -0.76 -0.59 -0.64
CA GLY A 213 -2.00 -1.12 -0.16
C GLY A 213 -2.88 -1.85 -1.16
N THR A 214 -2.50 -1.90 -2.43
CA THR A 214 -3.33 -2.43 -3.52
C THR A 214 -2.64 -3.72 -3.98
N THR A 215 -3.44 -4.76 -4.23
CA THR A 215 -2.91 -6.06 -4.56
C THR A 215 -2.29 -6.10 -5.99
N ILE A 216 -3.01 -5.55 -6.94
CA ILE A 216 -2.62 -5.56 -8.35
C ILE A 216 -2.55 -4.10 -8.85
N SER A 217 -2.47 -3.92 -10.18
CA SER A 217 -2.19 -2.64 -10.77
C SER A 217 -3.32 -2.22 -11.72
N TYR A 218 -3.54 -0.92 -11.85
CA TYR A 218 -4.70 -0.36 -12.52
C TYR A 218 -4.18 0.70 -13.48
N LEU A 219 -4.45 0.53 -14.77
CA LEU A 219 -3.99 1.45 -15.80
C LEU A 219 -5.16 1.85 -16.69
N PRO A 220 -5.04 2.96 -17.43
CA PRO A 220 -6.20 3.45 -18.19
C PRO A 220 -6.57 2.49 -19.31
N ASP A 221 -7.82 2.61 -19.77
CA ASP A 221 -8.30 1.81 -20.91
C ASP A 221 -7.39 1.97 -22.14
N SER A 222 -6.78 3.14 -22.29
CA SER A 222 -5.88 3.40 -23.43
C SER A 222 -4.73 2.40 -23.51
N ILE A 223 -4.36 1.87 -22.35
CA ILE A 223 -3.37 0.82 -22.31
C ILE A 223 -4.01 -0.57 -22.21
N VAL A 224 -4.89 -0.78 -21.25
CA VAL A 224 -5.30 -2.17 -20.96
C VAL A 224 -6.19 -2.79 -22.02
N ASN A 225 -7.02 -2.00 -22.71
CA ASN A 225 -7.96 -2.59 -23.66
C ASN A 225 -7.25 -3.25 -24.85
N ASP A 226 -6.23 -2.62 -25.44
CA ASP A 226 -5.55 -3.34 -26.56
C ASP A 226 -4.63 -4.36 -26.03
N LEU A 227 -3.95 -4.07 -24.90
CA LEU A 227 -3.03 -5.06 -24.44
C LEU A 227 -3.75 -6.37 -24.12
N ALA A 228 -5.00 -6.26 -23.62
CA ALA A 228 -5.73 -7.48 -23.20
C ALA A 228 -5.80 -8.49 -24.37
N ASN A 229 -5.98 -8.00 -25.60
CA ASN A 229 -6.07 -8.88 -26.79
C ASN A 229 -4.77 -9.64 -27.11
N LYS A 230 -3.64 -9.01 -26.89
CA LYS A 230 -2.34 -9.59 -27.20
C LYS A 230 -1.94 -10.68 -26.20
N VAL A 231 -2.43 -10.54 -24.97
CA VAL A 231 -1.96 -11.38 -23.88
C VAL A 231 -2.98 -12.45 -23.50
N GLY A 232 -4.19 -12.40 -24.07
CA GLY A 232 -5.26 -13.33 -23.72
C GLY A 232 -6.07 -13.02 -22.46
N ALA A 233 -6.14 -11.73 -22.10
CA ALA A 233 -7.03 -11.30 -20.99
C ALA A 233 -8.40 -10.94 -21.56
N TYR A 234 -9.44 -11.26 -20.81
CA TYR A 234 -10.83 -11.18 -21.30
C TYR A 234 -11.78 -10.75 -20.18
N LEU A 235 -12.70 -9.87 -20.54
CA LEU A 235 -13.67 -9.37 -19.57
C LEU A 235 -14.76 -10.42 -19.24
N GLU A 236 -15.09 -10.54 -17.96
CA GLU A 236 -16.22 -11.37 -17.54
CA GLU A 236 -16.23 -11.36 -17.54
C GLU A 236 -16.93 -10.64 -16.39
N PRO A 237 -18.23 -10.89 -16.23
CA PRO A 237 -18.97 -10.24 -15.15
C PRO A 237 -18.53 -10.78 -13.81
N VAL A 238 -18.56 -9.90 -12.80
CA VAL A 238 -18.22 -10.27 -11.43
C VAL A 238 -19.34 -9.95 -10.42
N GLY A 239 -20.44 -9.37 -10.90
CA GLY A 239 -21.55 -8.97 -10.06
C GLY A 239 -21.22 -7.78 -9.18
N LEU A 240 -22.22 -6.99 -8.77
CA LEU A 240 -23.55 -7.00 -9.37
C LEU A 240 -23.48 -5.88 -10.41
N GLY A 241 -23.17 -6.24 -11.65
CA GLY A 241 -23.05 -5.26 -12.72
C GLY A 241 -21.62 -4.81 -13.01
N ASN A 242 -20.64 -5.35 -12.27
CA ASN A 242 -19.24 -5.04 -12.53
C ASN A 242 -18.62 -6.11 -13.44
N GLU A 243 -17.49 -5.78 -14.06
CA GLU A 243 -16.69 -6.75 -14.82
C GLU A 243 -15.22 -6.53 -14.53
N LEU A 244 -14.44 -7.60 -14.64
CA LEU A 244 -12.99 -7.56 -14.55
C LEU A 244 -12.37 -8.31 -15.72
N TYR A 245 -11.10 -8.02 -16.00
CA TYR A 245 -10.31 -8.84 -16.90
C TYR A 245 -9.81 -10.10 -16.20
N PHE A 246 -10.13 -11.25 -16.80
CA PHE A 246 -9.61 -12.51 -16.39
C PHE A 246 -8.53 -13.02 -17.34
N ILE A 247 -7.81 -14.05 -16.90
CA ILE A 247 -6.70 -14.65 -17.62
C ILE A 247 -6.60 -16.13 -17.24
N ASP A 248 -6.13 -16.96 -18.18
CA ASP A 248 -5.88 -18.39 -17.95
C ASP A 248 -5.05 -18.59 -16.69
N CYS A 249 -5.53 -19.41 -15.75
CA CYS A 249 -4.81 -19.66 -14.49
C CYS A 249 -3.52 -20.44 -14.71
N ASN A 250 -3.46 -21.23 -15.79
CA ASN A 250 -2.45 -22.29 -15.97
C ASN A 250 -1.47 -22.14 -17.15
N ALA A 251 -1.48 -21.01 -17.86
CA ALA A 251 -0.52 -20.81 -18.97
C ALA A 251 0.93 -20.78 -18.46
N ASN A 252 1.87 -21.08 -19.36
CA ASN A 252 3.30 -20.98 -19.05
C ASN A 252 3.62 -19.51 -18.74
N PRO A 253 4.03 -19.20 -17.51
CA PRO A 253 4.16 -17.75 -17.24
C PRO A 253 5.46 -17.13 -17.79
N GLN A 254 5.76 -17.45 -19.05
CA GLN A 254 7.00 -17.06 -19.72
C GLN A 254 6.95 -15.60 -20.16
N GLY A 255 8.01 -14.87 -19.82
CA GLY A 255 8.21 -13.49 -20.24
C GLY A 255 8.13 -12.53 -19.06
N SER A 256 8.36 -11.27 -19.35
CA SER A 256 8.25 -10.19 -18.36
CA SER A 256 8.31 -10.17 -18.37
C SER A 256 7.63 -8.96 -18.97
N ALA A 257 7.25 -8.05 -18.09
CA ALA A 257 6.74 -6.77 -18.47
C ALA A 257 7.74 -5.79 -17.87
N SER A 258 8.17 -4.84 -18.65
CA SER A 258 9.05 -3.79 -18.14
C SER A 258 8.29 -2.48 -18.11
N PHE A 259 8.47 -1.76 -17.01
CA PHE A 259 7.86 -0.49 -16.76
C PHE A 259 8.99 0.54 -16.81
N THR A 260 8.85 1.49 -17.74
CA THR A 260 9.88 2.52 -17.86
C THR A 260 9.31 3.83 -17.32
N PHE A 261 10.08 4.45 -16.43
CA PHE A 261 9.73 5.73 -15.80
C PHE A 261 10.65 6.78 -16.38
N ASP A 262 10.68 7.96 -15.83
CA ASP A 262 11.55 8.99 -16.35
C ASP A 262 12.97 8.74 -15.90
N ASN A 263 13.90 9.47 -16.55
CA ASN A 263 15.28 9.51 -16.16
C ASN A 263 16.00 8.19 -16.22
N GLY A 264 15.50 7.30 -17.10
CA GLY A 264 16.16 6.03 -17.33
C GLY A 264 15.74 4.89 -16.40
N ALA A 265 14.82 5.12 -15.47
CA ALA A 265 14.46 4.08 -14.51
C ALA A 265 13.57 3.02 -15.20
N LYS A 266 13.85 1.76 -14.94
CA LYS A 266 13.13 0.65 -15.55
C LYS A 266 13.03 -0.46 -14.54
N ILE A 267 11.83 -1.00 -14.39
CA ILE A 267 11.58 -2.11 -13.48
C ILE A 267 10.97 -3.25 -14.30
N THR A 268 11.58 -4.42 -14.14
CA THR A 268 11.15 -5.63 -14.82
C THR A 268 10.41 -6.56 -13.86
N VAL A 269 9.21 -6.98 -14.29
CA VAL A 269 8.29 -7.79 -13.49
C VAL A 269 7.97 -9.08 -14.26
N PRO A 270 8.11 -10.24 -13.61
CA PRO A 270 7.79 -11.50 -14.29
CA PRO A 270 7.78 -11.48 -14.31
C PRO A 270 6.28 -11.61 -14.59
N LEU A 271 5.91 -12.27 -15.69
CA LEU A 271 4.51 -12.32 -16.07
C LEU A 271 3.62 -13.11 -15.06
N SER A 272 4.25 -13.93 -14.23
CA SER A 272 3.52 -14.65 -13.17
C SER A 272 2.80 -13.65 -12.25
N GLU A 273 3.34 -12.44 -12.11
CA GLU A 273 2.69 -11.39 -11.30
C GLU A 273 1.39 -10.87 -11.89
N PHE A 274 1.03 -11.30 -13.12
CA PHE A 274 -0.17 -10.83 -13.78
C PHE A 274 -1.26 -11.90 -13.88
N VAL A 275 -1.07 -12.97 -13.11
CA VAL A 275 -2.09 -14.03 -12.97
C VAL A 275 -2.38 -14.15 -11.46
N LEU A 276 -3.55 -13.69 -11.02
CA LEU A 276 -3.84 -13.66 -9.58
C LEU A 276 -4.97 -14.64 -9.30
N GLN A 277 -4.74 -15.61 -8.43
CA GLN A 277 -5.82 -16.53 -8.03
C GLN A 277 -7.01 -15.77 -7.44
N SER A 278 -8.23 -16.10 -7.88
CA SER A 278 -9.45 -15.41 -7.43
C SER A 278 -10.41 -16.37 -6.73
N THR A 279 -11.63 -15.88 -6.46
CA THR A 279 -12.77 -16.73 -6.08
C THR A 279 -12.85 -17.83 -7.14
N ALA A 280 -12.42 -19.02 -6.74
CA ALA A 280 -11.53 -19.84 -7.57
C ALA A 280 -12.09 -20.65 -8.74
N ASN A 281 -11.17 -21.45 -9.29
CA ASN A 281 -11.19 -21.91 -10.68
C ASN A 281 -11.06 -20.79 -11.69
N ALA A 282 -10.80 -19.57 -11.21
CA ALA A 282 -10.68 -18.38 -12.05
C ALA A 282 -9.54 -17.49 -11.53
N CYS A 283 -8.75 -16.95 -12.45
CA CYS A 283 -7.67 -15.99 -12.11
C CYS A 283 -7.90 -14.67 -12.81
N VAL A 284 -7.78 -13.56 -12.08
CA VAL A 284 -7.92 -12.24 -12.67
C VAL A 284 -6.55 -11.78 -13.19
N TRP A 285 -6.59 -10.98 -14.25
CA TRP A 285 -5.41 -10.35 -14.75
C TRP A 285 -4.86 -9.38 -13.68
N GLY A 286 -3.53 -9.31 -13.61
CA GLY A 286 -2.86 -8.37 -12.70
C GLY A 286 -2.80 -6.94 -13.17
N LEU A 287 -3.30 -6.66 -14.36
CA LEU A 287 -3.67 -5.31 -14.77
CA LEU A 287 -3.67 -5.33 -14.81
C LEU A 287 -5.19 -5.28 -14.87
N GLN A 288 -5.76 -4.18 -14.42
CA GLN A 288 -7.16 -3.85 -14.58
C GLN A 288 -7.33 -2.40 -15.02
N SER A 289 -8.51 -1.99 -15.45
CA SER A 289 -8.77 -0.61 -15.89
C SER A 289 -8.98 0.30 -14.70
N SER A 290 -8.15 1.33 -14.61
CA SER A 290 -8.36 2.38 -13.66
C SER A 290 -9.64 3.16 -13.96
N ASP A 291 -10.00 3.25 -15.24
CA ASP A 291 -11.22 3.94 -15.65
C ASP A 291 -12.47 3.21 -15.13
N ARG A 292 -12.51 1.89 -15.37
CA ARG A 292 -13.66 1.10 -14.97
C ARG A 292 -13.79 1.02 -13.45
N GLN A 293 -12.65 0.92 -12.77
CA GLN A 293 -12.54 0.80 -11.30
CA GLN A 293 -12.73 0.77 -11.34
CA GLN A 293 -12.69 0.76 -11.33
C GLN A 293 -12.69 2.13 -10.61
N ASN A 294 -12.64 3.22 -11.39
CA ASN A 294 -12.80 4.59 -10.88
CA ASN A 294 -12.76 4.60 -10.91
C ASN A 294 -11.73 4.87 -9.83
N VAL A 295 -10.47 4.67 -10.21
CA VAL A 295 -9.33 4.97 -9.35
C VAL A 295 -8.28 5.65 -10.23
N PRO A 296 -7.40 6.41 -9.62
CA PRO A 296 -6.24 6.88 -10.39
C PRO A 296 -5.41 5.66 -10.81
N PRO A 297 -4.62 5.78 -11.86
CA PRO A 297 -3.72 4.70 -12.19
C PRO A 297 -2.80 4.39 -11.01
N ILE A 298 -2.58 3.10 -10.82
CA ILE A 298 -1.88 2.55 -9.65
C ILE A 298 -0.95 1.42 -10.03
N LEU A 299 0.27 1.42 -9.50
CA LEU A 299 1.13 0.25 -9.48
C LEU A 299 1.11 -0.29 -8.07
N GLY A 300 0.60 -1.51 -7.95
CA GLY A 300 0.39 -2.15 -6.67
C GLY A 300 1.42 -3.20 -6.34
N ASP A 301 1.05 -4.13 -5.47
CA ASP A 301 2.05 -5.02 -4.89
C ASP A 301 2.71 -5.92 -5.92
N ASN A 302 1.99 -6.31 -6.96
CA ASN A 302 2.52 -7.13 -8.01
C ASN A 302 3.70 -6.52 -8.75
N PHE A 303 3.66 -5.20 -8.89
CA PHE A 303 4.80 -4.45 -9.36
C PHE A 303 5.85 -4.24 -8.26
N LEU A 304 5.40 -3.78 -7.09
CA LEU A 304 6.29 -3.36 -6.04
C LEU A 304 7.20 -4.46 -5.49
N ARG A 305 6.76 -5.72 -5.58
CA ARG A 305 7.66 -6.80 -5.19
C ARG A 305 8.98 -6.80 -5.97
N HIS A 306 9.00 -6.17 -7.13
CA HIS A 306 10.18 -6.22 -8.01
C HIS A 306 10.98 -4.96 -8.02
N ALA A 307 10.61 -4.01 -7.13
CA ALA A 307 11.35 -2.76 -7.01
C ALA A 307 11.80 -2.54 -5.59
N TYR A 308 12.91 -1.85 -5.45
CA TYR A 308 13.26 -1.22 -4.21
C TYR A 308 12.87 0.23 -4.37
N VAL A 309 12.07 0.75 -3.44
CA VAL A 309 11.47 2.08 -3.60
C VAL A 309 11.76 2.93 -2.36
N VAL A 310 12.31 4.12 -2.60
CA VAL A 310 12.49 5.09 -1.53
C VAL A 310 11.51 6.24 -1.75
N PHE A 311 10.63 6.40 -0.79
CA PHE A 311 9.60 7.47 -0.80
C PHE A 311 10.14 8.58 0.06
N ASN A 312 10.33 9.77 -0.51
CA ASN A 312 10.87 10.89 0.24
C ASN A 312 9.82 11.98 0.28
N LEU A 313 9.10 12.05 1.39
CA LEU A 313 7.95 12.95 1.51
C LEU A 313 8.38 14.39 1.77
N ASP A 314 9.60 14.60 2.23
CA ASP A 314 10.15 15.96 2.44
C ASP A 314 10.60 16.54 1.12
N LYS A 315 11.39 15.77 0.36
CA LYS A 315 11.86 16.19 -0.96
C LYS A 315 10.81 16.03 -2.05
N GLU A 316 9.75 15.29 -1.78
CA GLU A 316 8.71 15.04 -2.79
C GLU A 316 9.26 14.30 -4.00
N THR A 317 9.88 13.16 -3.68
CA THR A 317 10.46 12.26 -4.70
C THR A 317 10.14 10.82 -4.35
N VAL A 318 10.17 10.00 -5.39
CA VAL A 318 10.17 8.55 -5.25
C VAL A 318 11.36 8.07 -6.08
N SER A 319 12.22 7.27 -5.46
CA SER A 319 13.40 6.71 -6.15
C SER A 319 13.21 5.22 -6.34
N LEU A 320 13.61 4.73 -7.49
CA LEU A 320 13.35 3.37 -7.92
C LEU A 320 14.59 2.64 -8.37
N ALA A 321 14.71 1.37 -8.04
CA ALA A 321 15.73 0.51 -8.62
C ALA A 321 15.21 -0.89 -8.65
N GLN A 322 15.72 -1.69 -9.57
CA GLN A 322 15.42 -3.12 -9.62
C GLN A 322 15.85 -3.82 -8.35
N VAL A 323 14.92 -4.54 -7.73
CA VAL A 323 15.20 -5.17 -6.46
C VAL A 323 16.25 -6.27 -6.60
N LYS A 324 16.97 -6.48 -5.51
CA LYS A 324 17.89 -7.58 -5.35
C LYS A 324 17.57 -8.27 -4.04
N TYR A 325 17.05 -9.49 -4.19
CA TYR A 325 16.58 -10.27 -3.06
C TYR A 325 17.79 -10.84 -2.32
N THR A 326 18.00 -10.38 -1.10
CA THR A 326 19.15 -10.82 -0.31
C THR A 326 18.97 -10.56 1.17
N SER A 327 19.53 -11.45 1.99
CA SER A 327 19.57 -11.24 3.45
C SER A 327 20.67 -10.23 3.82
N ALA A 328 21.58 -9.96 2.90
CA ALA A 328 22.58 -8.91 3.10
C ALA A 328 21.90 -7.59 3.36
N SER A 329 22.48 -6.84 4.29
CA SER A 329 21.90 -5.56 4.70
C SER A 329 22.94 -4.50 4.95
N SER A 330 22.77 -3.34 4.35
CA SER A 330 23.60 -2.16 4.58
C SER A 330 22.74 -0.88 4.56
N VAL A 331 22.32 -0.50 5.75
CA VAL A 331 21.32 0.55 5.91
C VAL A 331 21.97 1.90 6.20
N SER A 332 21.63 2.93 5.42
CA SER A 332 22.08 4.30 5.68
C SER A 332 20.89 5.23 5.84
N ALA A 333 21.06 6.32 6.58
CA ALA A 333 20.02 7.33 6.76
C ALA A 333 19.79 8.04 5.46
N ILE A 334 18.53 8.33 5.16
CA ILE A 334 18.18 9.16 4.02
C ILE A 334 18.41 10.63 4.45
C1 PEG B . -7.21 1.51 -5.47
O1 PEG B . -7.03 2.61 -4.57
C2 PEG B . -8.05 0.39 -4.87
O2 PEG B . -8.71 -0.30 -5.93
C3 PEG B . -8.97 -1.69 -5.76
C4 PEG B . -10.32 -1.92 -5.08
O4 PEG B . -10.59 -3.33 -4.95
#